data_2Q03
#
_entry.id   2Q03
#
_cell.length_a   145.830
_cell.length_b   145.830
_cell.length_c   45.470
_cell.angle_alpha   90.000
_cell.angle_beta   90.000
_cell.angle_gamma   90.000
#
_symmetry.space_group_name_H-M   'P 41 21 2'
#
loop_
_entity.id
_entity.type
_entity.pdbx_description
1 polymer 'Uncharacterized protein'
2 non-polymer GLYCEROL
3 water water
#
_entity_poly.entity_id   1
_entity_poly.type   'polypeptide(L)'
_entity_poly.pdbx_seq_one_letter_code
;G(MSE)D(MSE)KTKLQTIIG(MSE)FQITAWDETSYFESDNGAKLTQAVITQSYQGVLQGHSEIRYL(MSE)SYQDNAN
ATFVGFEHFTGSLGDKKGSFILQHKGLFAAGVASSEFELVERSATGDFVHLVGKGHFVSTENGQANYQITLQDS
;
_entity_poly.pdbx_strand_id   A,B
#
# COMPACT_ATOMS: atom_id res chain seq x y z
N THR A 6 -17.29 -26.01 -1.40
CA THR A 6 -16.25 -24.95 -1.55
C THR A 6 -15.56 -25.18 -2.90
N LYS A 7 -15.34 -24.11 -3.65
CA LYS A 7 -14.72 -24.21 -4.96
C LYS A 7 -13.53 -23.28 -4.97
N LEU A 8 -12.38 -23.81 -5.39
CA LEU A 8 -11.14 -23.05 -5.45
C LEU A 8 -10.49 -23.27 -6.82
N GLN A 9 -9.83 -22.23 -7.26
CA GLN A 9 -9.14 -22.27 -8.54
C GLN A 9 -7.79 -21.62 -8.33
N THR A 10 -6.73 -22.41 -8.56
CA THR A 10 -5.37 -21.93 -8.40
C THR A 10 -4.67 -21.93 -9.73
N ILE A 11 -4.04 -20.79 -10.07
CA ILE A 11 -3.32 -20.60 -11.33
C ILE A 11 -1.88 -20.24 -11.04
N ILE A 12 -0.97 -20.92 -11.74
CA ILE A 12 0.47 -20.66 -11.65
C ILE A 12 0.93 -20.22 -13.03
N GLY A 13 1.54 -19.05 -13.07
CA GLY A 13 1.99 -18.55 -14.32
C GLY A 13 3.05 -17.51 -14.23
N PHE A 15 4.08 -13.31 -15.58
CA PHE A 15 3.65 -12.01 -16.15
C PHE A 15 4.90 -11.28 -16.67
N GLN A 16 4.65 -10.36 -17.60
CA GLN A 16 5.68 -9.53 -18.17
C GLN A 16 5.37 -8.04 -17.98
N ILE A 17 6.28 -7.34 -17.33
CA ILE A 17 6.20 -5.89 -17.24
C ILE A 17 6.58 -5.29 -18.64
N THR A 18 5.71 -4.42 -19.14
CA THR A 18 5.86 -3.79 -20.43
C THR A 18 6.23 -2.30 -20.29
N ALA A 19 5.90 -1.70 -19.15
CA ALA A 19 6.26 -0.32 -18.87
C ALA A 19 6.31 -0.10 -17.37
N TRP A 20 7.24 0.75 -16.97
CA TRP A 20 7.49 1.08 -15.57
C TRP A 20 7.86 2.57 -15.54
N ASP A 21 6.96 3.40 -15.02
N ASP A 21 6.98 3.38 -15.01
CA ASP A 21 7.12 4.87 -14.90
CA ASP A 21 7.19 4.80 -14.91
C ASP A 21 7.18 5.32 -13.43
C ASP A 21 7.29 5.07 -13.40
N GLU A 22 8.35 5.72 -12.96
CA GLU A 22 8.56 5.99 -11.54
C GLU A 22 9.06 7.40 -11.30
N THR A 23 8.48 8.04 -10.30
CA THR A 23 8.79 9.42 -9.95
C THR A 23 9.01 9.55 -8.44
N SER A 24 10.17 10.06 -8.05
CA SER A 24 10.46 10.25 -6.64
C SER A 24 9.77 11.51 -6.13
N TYR A 25 9.37 11.47 -4.88
CA TYR A 25 8.80 12.66 -4.24
C TYR A 25 9.55 13.03 -2.99
N PHE A 26 10.48 12.17 -2.57
CA PHE A 26 11.39 12.50 -1.47
C PHE A 26 12.70 11.78 -1.77
N GLU A 27 13.83 12.49 -1.60
CA GLU A 27 15.17 11.87 -1.77
C GLU A 27 16.06 12.43 -0.68
N SER A 28 16.81 11.57 0.02
CA SER A 28 17.75 12.04 1.03
C SER A 28 19.19 11.77 0.56
N ASP A 29 20.16 12.47 1.18
CA ASP A 29 21.58 12.30 0.84
C ASP A 29 22.00 10.84 1.02
N ASN A 30 21.39 10.19 2.02
CA ASN A 30 21.58 8.76 2.28
C ASN A 30 21.53 7.86 1.05
N GLY A 31 20.58 8.13 0.17
CA GLY A 31 20.29 7.26 -0.98
C GLY A 31 18.84 6.76 -0.86
N ALA A 32 18.25 7.00 0.32
CA ALA A 32 16.87 6.64 0.58
C ALA A 32 15.96 7.55 -0.22
N LYS A 33 14.80 7.03 -0.59
CA LYS A 33 13.83 7.81 -1.35
C LYS A 33 12.45 7.20 -1.25
N LEU A 34 11.45 8.05 -1.49
CA LEU A 34 10.08 7.64 -1.57
C LEU A 34 9.67 7.94 -2.99
N THR A 35 9.01 6.97 -3.62
CA THR A 35 8.57 7.11 -5.00
C THR A 35 7.19 6.57 -5.30
N GLN A 36 6.64 6.99 -6.43
N GLN A 36 6.69 6.91 -6.47
CA GLN A 36 5.41 6.38 -6.94
CA GLN A 36 5.39 6.43 -6.95
C GLN A 36 5.79 5.76 -8.28
C GLN A 36 5.62 5.85 -8.36
N ALA A 37 5.26 4.57 -8.53
CA ALA A 37 5.49 3.85 -9.78
C ALA A 37 4.13 3.51 -10.42
N VAL A 38 4.06 3.66 -11.74
CA VAL A 38 2.91 3.31 -12.52
C VAL A 38 3.43 2.27 -13.53
N ILE A 39 2.88 1.07 -13.43
CA ILE A 39 3.38 -0.09 -14.15
C ILE A 39 2.29 -0.76 -14.97
N THR A 40 2.64 -1.23 -16.17
N THR A 40 2.69 -1.28 -16.14
CA THR A 40 1.72 -2.04 -16.96
CA THR A 40 1.81 -2.04 -16.99
C THR A 40 2.37 -3.41 -17.18
C THR A 40 2.40 -3.44 -17.09
N GLN A 41 1.55 -4.45 -17.06
CA GLN A 41 1.93 -5.84 -17.13
C GLN A 41 0.98 -6.63 -18.01
N SER A 42 1.50 -7.62 -18.71
CA SER A 42 0.66 -8.49 -19.54
C SER A 42 0.70 -9.90 -18.98
N TYR A 43 -0.44 -10.58 -19.10
CA TYR A 43 -0.60 -11.95 -18.66
C TYR A 43 -1.07 -12.78 -19.86
N GLN A 44 -0.36 -13.87 -20.10
CA GLN A 44 -0.73 -14.80 -21.18
C GLN A 44 -0.89 -16.19 -20.54
N GLY A 45 -1.74 -17.00 -21.09
CA GLY A 45 -1.96 -18.32 -20.55
C GLY A 45 -3.34 -18.45 -20.03
N VAL A 46 -3.50 -19.32 -19.03
CA VAL A 46 -4.79 -19.61 -18.45
C VAL A 46 -5.41 -18.27 -17.99
N LEU A 47 -4.61 -17.52 -17.25
CA LEU A 47 -4.97 -16.14 -16.86
C LEU A 47 -4.40 -15.29 -17.99
N GLN A 48 -5.31 -14.62 -18.71
CA GLN A 48 -4.97 -13.82 -19.89
C GLN A 48 -5.54 -12.40 -19.77
N GLY A 49 -4.68 -11.38 -19.88
CA GLY A 49 -5.12 -10.03 -19.74
C GLY A 49 -4.00 -9.04 -19.55
N HIS A 50 -4.37 -7.91 -19.00
CA HIS A 50 -3.48 -6.79 -18.77
C HIS A 50 -3.82 -6.11 -17.45
N SER A 51 -2.78 -5.60 -16.77
CA SER A 51 -2.93 -4.86 -15.52
C SER A 51 -2.24 -3.50 -15.63
N GLU A 52 -2.83 -2.52 -14.95
CA GLU A 52 -2.25 -1.20 -14.69
C GLU A 52 -2.12 -1.17 -13.17
N ILE A 53 -0.90 -0.96 -12.70
CA ILE A 53 -0.60 -0.98 -11.27
C ILE A 53 0.02 0.31 -10.80
N ARG A 54 -0.38 0.76 -9.62
N ARG A 54 -0.42 0.78 -9.62
CA ARG A 54 0.31 1.84 -8.96
CA ARG A 54 0.20 1.89 -8.92
C ARG A 54 0.83 1.36 -7.62
C ARG A 54 0.84 1.33 -7.64
N TYR A 55 2.11 1.62 -7.40
CA TYR A 55 2.79 1.32 -6.17
C TYR A 55 3.37 2.60 -5.59
N LEU A 56 3.37 2.67 -4.26
CA LEU A 56 4.19 3.62 -3.51
C LEU A 56 5.36 2.75 -3.03
N SER A 58 9.15 2.69 -0.70
CA SER A 58 10.05 3.26 0.27
C SER A 58 11.38 2.53 0.14
N TYR A 59 12.37 3.23 -0.41
CA TYR A 59 13.73 2.70 -0.59
C TYR A 59 14.63 3.14 0.55
N GLN A 60 15.24 2.17 1.21
CA GLN A 60 16.20 2.45 2.26
C GLN A 60 17.56 2.70 1.60
N ASP A 61 17.78 2.08 0.45
CA ASP A 61 18.90 2.37 -0.42
C ASP A 61 18.49 1.85 -1.79
N ASN A 62 19.36 1.97 -2.81
CA ASN A 62 18.98 1.53 -4.17
C ASN A 62 18.66 0.06 -4.35
N ALA A 63 19.15 -0.78 -3.45
CA ALA A 63 18.93 -2.21 -3.54
C ALA A 63 17.88 -2.82 -2.57
N ASN A 64 17.27 -1.99 -1.73
CA ASN A 64 16.35 -2.45 -0.72
C ASN A 64 15.18 -1.51 -0.53
N ALA A 65 13.98 -2.04 -0.73
CA ALA A 65 12.79 -1.25 -0.56
C ALA A 65 11.59 -2.10 -0.14
N THR A 66 10.55 -1.42 0.31
CA THR A 66 9.23 -2.03 0.51
C THR A 66 8.33 -1.25 -0.46
N PHE A 67 7.24 -1.91 -0.87
CA PHE A 67 6.30 -1.29 -1.81
C PHE A 67 4.88 -1.79 -1.53
N VAL A 68 3.93 -0.91 -1.73
CA VAL A 68 2.54 -1.26 -1.49
C VAL A 68 1.71 -0.63 -2.58
N GLY A 69 0.59 -1.25 -2.91
CA GLY A 69 -0.28 -0.61 -3.90
C GLY A 69 -1.40 -1.48 -4.41
N PHE A 70 -1.96 -1.05 -5.55
CA PHE A 70 -3.10 -1.71 -6.12
C PHE A 70 -2.86 -2.00 -7.59
N GLU A 71 -3.20 -3.25 -7.94
CA GLU A 71 -3.13 -3.75 -9.34
C GLU A 71 -4.54 -3.89 -9.89
N HIS A 72 -4.81 -3.23 -11.01
CA HIS A 72 -6.14 -3.26 -11.66
C HIS A 72 -6.01 -4.14 -12.90
N PHE A 73 -6.50 -5.37 -12.77
CA PHE A 73 -6.46 -6.42 -13.79
C PHE A 73 -7.75 -6.46 -14.58
N THR A 74 -7.62 -6.54 -15.90
CA THR A 74 -8.75 -6.70 -16.80
C THR A 74 -8.45 -7.86 -17.73
N GLY A 75 -9.34 -8.84 -17.82
CA GLY A 75 -9.07 -9.97 -18.67
C GLY A 75 -9.98 -11.16 -18.42
N SER A 76 -9.42 -12.34 -18.60
CA SER A 76 -10.20 -13.54 -18.51
C SER A 76 -9.44 -14.70 -17.85
N LEU A 77 -10.21 -15.63 -17.30
CA LEU A 77 -9.71 -16.85 -16.70
C LEU A 77 -10.68 -17.88 -17.19
N GLY A 78 -10.26 -18.60 -18.23
CA GLY A 78 -11.11 -19.55 -18.89
C GLY A 78 -12.32 -18.82 -19.42
N ASP A 79 -13.49 -19.30 -19.03
CA ASP A 79 -14.77 -18.74 -19.46
C ASP A 79 -15.16 -17.47 -18.70
N LYS A 80 -14.46 -17.17 -17.60
CA LYS A 80 -14.77 -15.99 -16.81
C LYS A 80 -14.09 -14.77 -17.43
N LYS A 81 -14.84 -13.67 -17.54
CA LYS A 81 -14.32 -12.41 -18.08
C LYS A 81 -14.72 -11.30 -17.13
N GLY A 82 -13.81 -10.36 -16.87
CA GLY A 82 -14.07 -9.23 -15.99
C GLY A 82 -12.79 -8.55 -15.53
N SER A 83 -12.84 -7.97 -14.33
CA SER A 83 -11.74 -7.24 -13.77
C SER A 83 -11.78 -7.38 -12.25
N PHE A 84 -10.66 -7.03 -11.64
CA PHE A 84 -10.55 -7.04 -10.18
C PHE A 84 -9.32 -6.23 -9.77
N ILE A 85 -9.27 -5.90 -8.49
CA ILE A 85 -8.18 -5.17 -7.88
C ILE A 85 -7.47 -6.10 -6.89
N LEU A 86 -6.16 -6.12 -7.00
CA LEU A 86 -5.32 -6.82 -6.05
C LEU A 86 -4.58 -5.79 -5.21
N GLN A 87 -4.59 -6.01 -3.91
CA GLN A 87 -3.85 -5.21 -2.95
C GLN A 87 -2.53 -5.89 -2.64
N HIS A 88 -1.43 -5.17 -2.87
CA HIS A 88 -0.10 -5.76 -2.76
C HIS A 88 0.71 -5.25 -1.57
N LYS A 89 1.45 -6.17 -0.94
CA LYS A 89 2.45 -5.88 0.10
C LYS A 89 3.75 -6.51 -0.38
N GLY A 90 4.70 -5.67 -0.81
CA GLY A 90 5.92 -6.13 -1.43
C GLY A 90 7.22 -5.73 -0.78
N LEU A 91 8.24 -6.45 -1.20
CA LEU A 91 9.59 -6.31 -0.76
C LEU A 91 10.53 -6.42 -1.94
N PHE A 92 11.57 -5.60 -1.92
CA PHE A 92 12.62 -5.62 -2.90
C PHE A 92 13.93 -5.78 -2.10
N ALA A 93 14.61 -6.88 -2.32
CA ALA A 93 15.85 -7.16 -1.61
C ALA A 93 16.73 -8.03 -2.48
N ALA A 94 18.01 -7.70 -2.52
CA ALA A 94 19.01 -8.47 -3.28
C ALA A 94 18.59 -8.68 -4.74
N GLY A 95 18.18 -7.58 -5.38
CA GLY A 95 17.74 -7.61 -6.76
C GLY A 95 16.44 -8.37 -7.04
N VAL A 96 15.68 -8.75 -6.01
CA VAL A 96 14.45 -9.51 -6.22
C VAL A 96 13.25 -8.83 -5.58
N ALA A 97 12.22 -8.64 -6.41
CA ALA A 97 10.93 -8.08 -5.94
C ALA A 97 9.96 -9.25 -5.75
N SER A 98 9.29 -9.24 -4.62
CA SER A 98 8.31 -10.25 -4.29
C SER A 98 7.14 -9.56 -3.61
N SER A 99 5.97 -10.17 -3.71
CA SER A 99 4.79 -9.60 -3.16
C SER A 99 3.79 -10.65 -2.71
N GLU A 100 3.07 -10.29 -1.67
N GLU A 100 3.07 -10.34 -1.64
CA GLU A 100 1.92 -11.03 -1.15
CA GLU A 100 1.91 -11.11 -1.18
C GLU A 100 0.73 -10.12 -1.46
C GLU A 100 0.73 -10.17 -1.41
N PHE A 101 -0.30 -10.67 -2.10
CA PHE A 101 -1.46 -9.90 -2.41
C PHE A 101 -2.79 -10.59 -2.12
N GLU A 102 -3.84 -9.77 -2.05
N GLU A 102 -3.83 -9.77 -2.04
CA GLU A 102 -5.19 -10.25 -1.84
CA GLU A 102 -5.19 -10.21 -1.82
C GLU A 102 -6.11 -9.47 -2.75
C GLU A 102 -6.12 -9.45 -2.75
N LEU A 103 -7.17 -10.14 -3.20
CA LEU A 103 -8.20 -9.52 -4.01
C LEU A 103 -9.04 -8.61 -3.08
N VAL A 104 -9.23 -7.35 -3.46
CA VAL A 104 -9.99 -6.41 -2.65
C VAL A 104 -11.47 -6.79 -2.69
N GLU A 105 -12.05 -6.99 -1.53
CA GLU A 105 -13.45 -7.34 -1.44
C GLU A 105 -14.37 -6.39 -2.12
N ARG A 106 -15.27 -6.92 -2.91
CA ARG A 106 -16.25 -6.18 -3.67
C ARG A 106 -15.64 -5.31 -4.78
N SER A 107 -14.39 -5.56 -5.19
CA SER A 107 -13.75 -4.80 -6.24
C SER A 107 -13.95 -5.44 -7.62
N ALA A 108 -14.32 -6.72 -7.64
CA ALA A 108 -14.43 -7.49 -8.88
C ALA A 108 -15.66 -7.15 -9.68
N THR A 109 -15.56 -7.30 -11.00
CA THR A 109 -16.64 -7.05 -11.93
C THR A 109 -16.80 -8.25 -12.85
N GLY A 110 -17.88 -8.28 -13.62
CA GLY A 110 -18.12 -9.37 -14.53
C GLY A 110 -18.26 -10.71 -13.80
N ASP A 111 -17.59 -11.71 -14.33
CA ASP A 111 -17.66 -13.08 -13.79
C ASP A 111 -16.78 -13.32 -12.57
N PHE A 112 -16.00 -12.33 -12.17
CA PHE A 112 -15.13 -12.42 -11.00
C PHE A 112 -15.84 -11.95 -9.71
N VAL A 113 -17.08 -11.51 -9.81
CA VAL A 113 -17.83 -11.08 -8.60
C VAL A 113 -18.00 -12.24 -7.62
N HIS A 114 -18.05 -11.96 -6.34
CA HIS A 114 -18.27 -12.97 -5.28
C HIS A 114 -17.14 -13.98 -5.11
N LEU A 115 -15.93 -13.55 -5.39
CA LEU A 115 -14.77 -14.38 -5.26
C LEU A 115 -13.83 -13.65 -4.35
N VAL A 116 -13.16 -14.43 -3.51
CA VAL A 116 -12.10 -13.95 -2.68
C VAL A 116 -10.84 -14.50 -3.36
N GLY A 117 -9.70 -13.92 -3.04
CA GLY A 117 -8.48 -14.44 -3.58
C GLY A 117 -7.24 -13.91 -2.91
N LYS A 118 -6.16 -14.68 -3.06
CA LYS A 118 -4.86 -14.32 -2.54
C LYS A 118 -3.80 -15.01 -3.38
N GLY A 119 -2.58 -14.51 -3.30
CA GLY A 119 -1.45 -15.08 -4.04
C GLY A 119 -0.18 -14.34 -3.72
N HIS A 120 0.82 -14.67 -4.50
CA HIS A 120 2.11 -14.07 -4.38
C HIS A 120 2.81 -14.07 -5.72
N PHE A 121 3.85 -13.23 -5.84
CA PHE A 121 4.76 -13.29 -6.99
C PHE A 121 6.20 -13.09 -6.55
N VAL A 122 7.11 -13.61 -7.36
CA VAL A 122 8.55 -13.41 -7.19
C VAL A 122 9.11 -13.11 -8.60
N SER A 123 9.83 -11.99 -8.71
CA SER A 123 10.48 -11.61 -9.96
C SER A 123 11.59 -12.54 -10.36
N THR A 124 11.80 -12.64 -11.68
CA THR A 124 12.86 -13.45 -12.26
C THR A 124 13.91 -12.52 -12.93
N GLU A 125 13.76 -12.25 -14.21
CA GLU A 125 14.67 -11.37 -14.94
C GLU A 125 13.89 -10.74 -16.12
N ASN A 126 14.46 -9.68 -16.69
CA ASN A 126 13.92 -9.07 -17.89
C ASN A 126 12.44 -8.64 -17.78
N GLY A 127 12.06 -8.17 -16.61
CA GLY A 127 10.70 -7.68 -16.36
C GLY A 127 9.67 -8.75 -16.12
N GLN A 128 10.12 -9.99 -15.96
CA GLN A 128 9.23 -11.14 -15.73
C GLN A 128 9.17 -11.49 -14.27
N ALA A 129 8.08 -12.17 -13.91
CA ALA A 129 7.86 -12.68 -12.58
C ALA A 129 6.95 -13.91 -12.67
N ASN A 130 7.12 -14.85 -11.74
CA ASN A 130 6.27 -16.04 -11.61
C ASN A 130 5.26 -15.70 -10.52
N TYR A 131 4.00 -16.03 -10.72
CA TYR A 131 2.98 -15.77 -9.74
C TYR A 131 2.17 -17.03 -9.49
N GLN A 132 1.49 -17.01 -8.35
CA GLN A 132 0.46 -17.97 -8.04
C GLN A 132 -0.73 -17.19 -7.45
N ILE A 133 -1.94 -17.53 -7.87
CA ILE A 133 -3.15 -16.88 -7.35
C ILE A 133 -4.22 -17.96 -7.16
N THR A 134 -4.92 -17.88 -6.04
CA THR A 134 -6.01 -18.77 -5.74
C THR A 134 -7.28 -17.93 -5.55
N LEU A 135 -8.29 -18.25 -6.35
CA LEU A 135 -9.61 -17.63 -6.26
C LEU A 135 -10.56 -18.63 -5.66
N GLN A 136 -11.42 -18.20 -4.76
CA GLN A 136 -12.34 -19.09 -4.06
C GLN A 136 -13.73 -18.46 -4.02
N ASP A 137 -14.77 -19.27 -4.17
N ASP A 137 -14.76 -19.30 -4.10
CA ASP A 137 -16.13 -18.77 -4.17
CA ASP A 137 -16.15 -18.84 -4.10
C ASP A 137 -16.51 -18.10 -2.85
C ASP A 137 -16.54 -18.13 -2.82
N SER A 138 -17.39 -17.10 -2.98
CA SER A 138 -17.90 -16.27 -1.87
C SER A 138 -16.81 -15.41 -1.26
N THR B 6 14.75 -6.55 26.38
CA THR B 6 13.81 -5.68 25.62
C THR B 6 13.03 -4.83 26.60
N LYS B 7 13.15 -3.43 26.34
CA LYS B 7 12.38 -2.44 27.09
C LYS B 7 11.44 -1.82 26.09
N LEU B 8 10.14 -1.91 26.39
CA LEU B 8 9.07 -1.37 25.55
C LEU B 8 8.33 -0.21 26.20
N GLN B 9 7.81 0.66 25.35
CA GLN B 9 7.00 1.79 25.80
C GLN B 9 5.92 1.94 24.75
N THR B 10 4.71 2.27 25.18
CA THR B 10 3.56 2.49 24.27
C THR B 10 3.09 3.90 24.51
N ILE B 11 2.87 4.64 23.41
CA ILE B 11 2.42 6.01 23.47
C ILE B 11 1.06 5.99 22.83
N ILE B 12 0.12 6.64 23.49
CA ILE B 12 -1.22 6.78 23.02
C ILE B 12 -1.50 8.28 22.90
N GLY B 13 -1.97 8.69 21.73
CA GLY B 13 -2.25 10.11 21.57
C GLY B 13 -3.21 10.33 20.41
N PHE B 15 -3.76 12.62 16.55
CA PHE B 15 -3.14 13.44 15.50
C PHE B 15 -4.25 14.22 14.84
N GLN B 16 -3.88 15.30 14.15
CA GLN B 16 -4.82 16.16 13.45
C GLN B 16 -4.40 16.25 11.97
N ILE B 17 -5.30 15.88 11.09
CA ILE B 17 -5.09 16.08 9.65
C ILE B 17 -5.18 17.59 9.44
N THR B 18 -4.13 18.14 8.80
CA THR B 18 -4.10 19.56 8.45
C THR B 18 -4.25 19.86 6.96
N ALA B 19 -4.12 18.85 6.13
CA ALA B 19 -4.33 18.93 4.69
C ALA B 19 -4.57 17.56 4.16
N TRP B 20 -5.50 17.45 3.19
CA TRP B 20 -5.84 16.18 2.58
C TRP B 20 -6.30 16.46 1.16
N ASP B 21 -5.49 16.06 0.17
CA ASP B 21 -5.83 16.30 -1.23
C ASP B 21 -5.82 14.99 -1.97
N GLU B 22 -6.97 14.63 -2.53
CA GLU B 22 -7.12 13.34 -3.15
C GLU B 22 -7.46 13.50 -4.60
N THR B 23 -6.82 12.72 -5.46
CA THR B 23 -7.02 12.78 -6.90
C THR B 23 -7.30 11.39 -7.43
N SER B 24 -8.41 11.24 -8.15
N SER B 24 -8.41 11.22 -8.13
CA SER B 24 -8.76 9.94 -8.72
CA SER B 24 -8.71 9.89 -8.67
C SER B 24 -7.96 9.69 -9.97
C SER B 24 -7.93 9.69 -9.95
N TYR B 25 -7.53 8.45 -10.18
CA TYR B 25 -6.88 8.04 -11.45
C TYR B 25 -7.71 6.99 -12.17
N PHE B 26 -8.77 6.49 -11.54
CA PHE B 26 -9.70 5.59 -12.19
C PHE B 26 -11.03 5.80 -11.52
N GLU B 27 -12.11 5.91 -12.30
CA GLU B 27 -13.48 5.96 -11.74
C GLU B 27 -14.37 5.07 -12.56
N SER B 28 -15.22 4.26 -11.92
CA SER B 28 -16.16 3.43 -12.68
C SER B 28 -17.59 3.93 -12.53
N ASP B 29 -18.45 3.56 -13.50
CA ASP B 29 -19.89 3.92 -13.50
C ASP B 29 -20.60 3.60 -12.17
N ASN B 30 -20.04 2.64 -11.42
CA ASN B 30 -20.52 2.20 -10.11
C ASN B 30 -20.43 3.21 -9.00
N GLY B 31 -19.34 3.98 -8.97
CA GLY B 31 -18.99 4.83 -7.80
C GLY B 31 -17.65 4.31 -7.21
N ALA B 32 -17.16 3.24 -7.80
CA ALA B 32 -15.88 2.69 -7.40
C ALA B 32 -14.81 3.60 -7.99
N LYS B 33 -13.67 3.73 -7.31
CA LYS B 33 -12.59 4.57 -7.82
C LYS B 33 -11.28 4.20 -7.17
N LEU B 34 -10.21 4.55 -7.86
CA LEU B 34 -8.88 4.41 -7.33
C LEU B 34 -8.32 5.82 -7.24
N THR B 35 -7.74 6.15 -6.09
CA THR B 35 -7.23 7.49 -5.85
C THR B 35 -5.88 7.51 -5.16
N GLN B 36 -5.20 8.65 -5.26
N GLN B 36 -5.26 8.67 -5.18
CA GLN B 36 -4.03 8.91 -4.41
CA GLN B 36 -3.99 8.92 -4.50
C GLN B 36 -4.41 10.11 -3.56
C GLN B 36 -4.22 10.19 -3.63
N ALA B 37 -3.95 10.08 -2.33
CA ALA B 37 -4.16 11.13 -1.36
C ALA B 37 -2.78 11.62 -0.87
N VAL B 38 -2.62 12.95 -0.82
CA VAL B 38 -1.43 13.61 -0.32
C VAL B 38 -1.92 14.35 0.93
N ILE B 39 -1.30 14.02 2.05
CA ILE B 39 -1.78 14.44 3.35
C ILE B 39 -0.71 14.98 4.26
N THR B 40 -1.10 15.94 5.10
N THR B 40 -1.12 15.89 5.12
CA THR B 40 -0.24 16.39 6.21
CA THR B 40 -0.28 16.39 6.20
C THR B 40 -1.00 16.23 7.54
C THR B 40 -1.02 16.19 7.52
N GLN B 41 -0.28 15.81 8.57
CA GLN B 41 -0.83 15.62 9.92
C GLN B 41 0.11 16.22 10.94
N SER B 42 -0.46 16.74 12.01
CA SER B 42 0.33 17.29 13.11
C SER B 42 0.11 16.43 14.37
N TYR B 43 1.17 16.34 15.16
CA TYR B 43 1.23 15.56 16.41
C TYR B 43 1.71 16.46 17.53
N GLN B 44 0.96 16.48 18.62
CA GLN B 44 1.34 17.22 19.82
C GLN B 44 1.38 16.23 21.01
N GLY B 45 2.26 16.49 21.95
CA GLY B 45 2.42 15.63 23.11
C GLY B 45 3.83 15.10 23.19
N VAL B 46 4.00 13.92 23.78
CA VAL B 46 5.33 13.33 23.91
C VAL B 46 5.88 13.05 22.51
N LEU B 47 5.03 12.54 21.63
CA LEU B 47 5.37 12.43 20.21
C LEU B 47 4.89 13.77 19.59
N GLN B 48 5.84 14.60 19.20
CA GLN B 48 5.57 15.94 18.73
C GLN B 48 6.23 16.12 17.37
N GLY B 49 5.47 16.58 16.39
CA GLY B 49 6.01 16.76 15.05
C GLY B 49 4.95 16.83 13.99
N HIS B 50 5.40 16.58 12.76
CA HIS B 50 4.55 16.64 11.58
C HIS B 50 4.90 15.50 10.65
N SER B 51 3.88 15.03 9.91
CA SER B 51 4.03 13.95 8.92
C SER B 51 3.52 14.41 7.58
N GLU B 52 4.19 13.93 6.52
CA GLU B 52 3.77 14.08 5.12
C GLU B 52 3.46 12.62 4.72
N ILE B 53 2.23 12.41 4.28
CA ILE B 53 1.75 11.09 3.98
C ILE B 53 1.23 10.98 2.57
N ARG B 54 1.50 9.81 1.97
CA ARG B 54 0.84 9.47 0.68
C ARG B 54 0.16 8.12 0.82
N TYR B 55 -1.11 8.09 0.40
CA TYR B 55 -1.86 6.84 0.37
C TYR B 55 -2.41 6.62 -1.05
N LEU B 56 -2.44 5.35 -1.43
CA LEU B 56 -3.23 4.85 -2.58
C LEU B 56 -4.50 4.28 -1.94
N SER B 58 -8.43 2.32 -2.68
CA SER B 58 -9.35 1.58 -3.54
C SER B 58 -10.74 1.66 -2.90
N TYR B 59 -11.63 2.42 -3.54
CA TYR B 59 -13.01 2.57 -3.04
C TYR B 59 -13.92 1.67 -3.84
N GLN B 60 -14.68 0.85 -3.12
CA GLN B 60 -15.67 -0.03 -3.72
C GLN B 60 -16.97 0.74 -3.88
N ASP B 61 -17.18 1.73 -3.03
CA ASP B 61 -18.24 2.74 -3.11
C ASP B 61 -17.82 3.90 -2.21
N ASN B 62 -18.62 4.96 -2.12
CA ASN B 62 -18.18 6.10 -1.29
C ASN B 62 -18.06 5.80 0.19
N ALA B 63 -18.67 4.72 0.65
CA ALA B 63 -18.63 4.37 2.08
C ALA B 63 -17.61 3.32 2.49
N ASN B 64 -16.94 2.69 1.51
CA ASN B 64 -16.06 1.56 1.77
C ASN B 64 -14.80 1.58 0.93
N ALA B 65 -13.66 1.52 1.59
CA ALA B 65 -12.36 1.56 0.91
C ALA B 65 -11.27 0.90 1.70
N THR B 66 -10.20 0.55 0.98
CA THR B 66 -8.97 0.13 1.59
C THR B 66 -7.93 1.15 1.14
N PHE B 67 -6.90 1.30 1.94
CA PHE B 67 -5.83 2.25 1.64
C PHE B 67 -4.49 1.73 2.13
N VAL B 68 -3.45 2.06 1.38
CA VAL B 68 -2.09 1.66 1.71
C VAL B 68 -1.13 2.79 1.41
N GLY B 69 -0.05 2.86 2.15
CA GLY B 69 0.94 3.89 1.85
C GLY B 69 1.97 4.11 2.92
N PHE B 70 2.63 5.27 2.80
CA PHE B 70 3.75 5.62 3.67
C PHE B 70 3.59 6.99 4.31
N GLU B 71 3.86 7.01 5.60
CA GLU B 71 3.83 8.23 6.40
C GLU B 71 5.28 8.60 6.78
N HIS B 72 5.69 9.79 6.41
CA HIS B 72 7.04 10.31 6.70
C HIS B 72 6.94 11.31 7.85
N PHE B 73 7.31 10.83 9.04
CA PHE B 73 7.23 11.63 10.25
C PHE B 73 8.55 12.27 10.58
N THR B 74 8.51 13.56 10.91
CA THR B 74 9.68 14.32 11.37
C THR B 74 9.33 15.00 12.69
N GLY B 75 10.09 14.69 13.73
CA GLY B 75 9.83 15.34 15.01
C GLY B 75 10.63 14.80 16.16
N SER B 76 9.98 14.78 17.33
CA SER B 76 10.66 14.33 18.54
C SER B 76 9.78 13.40 19.38
N LEU B 77 10.45 12.58 20.18
CA LEU B 77 9.80 11.68 21.09
C LEU B 77 10.56 11.95 22.34
N GLY B 78 10.17 13.02 23.03
CA GLY B 78 10.86 13.46 24.20
C GLY B 78 12.12 14.18 23.78
N ASP B 79 13.25 13.72 24.32
CA ASP B 79 14.57 14.25 23.96
C ASP B 79 15.09 13.70 22.65
N LYS B 80 14.50 12.61 22.15
CA LYS B 80 14.94 12.00 20.90
C LYS B 80 14.31 12.77 19.73
N LYS B 81 15.15 13.08 18.76
CA LYS B 81 14.78 13.87 17.59
C LYS B 81 15.21 13.14 16.31
N GLY B 82 14.34 13.13 15.30
CA GLY B 82 14.68 12.49 14.06
C GLY B 82 13.47 12.34 13.14
N SER B 83 13.52 11.33 12.29
CA SER B 83 12.45 11.01 11.37
C SER B 83 12.37 9.50 11.15
N PHE B 84 11.24 9.05 10.64
CA PHE B 84 11.02 7.67 10.28
C PHE B 84 9.84 7.56 9.33
N ILE B 85 9.71 6.35 8.75
CA ILE B 85 8.63 6.02 7.82
C ILE B 85 7.78 4.91 8.42
N LEU B 86 6.47 5.12 8.38
CA LEU B 86 5.49 4.13 8.80
C LEU B 86 4.83 3.62 7.53
N GLN B 87 4.72 2.30 7.43
CA GLN B 87 4.01 1.62 6.34
C GLN B 87 2.61 1.22 6.83
N HIS B 88 1.59 1.75 6.18
CA HIS B 88 0.20 1.59 6.60
C HIS B 88 -0.62 0.64 5.74
N LYS B 89 -1.49 -0.10 6.41
CA LYS B 89 -2.49 -0.96 5.79
C LYS B 89 -3.83 -0.55 6.46
N GLY B 90 -4.67 0.11 5.68
CA GLY B 90 -5.89 0.71 6.21
C GLY B 90 -7.21 0.30 5.61
N LEU B 91 -8.24 0.63 6.35
CA LEU B 91 -9.64 0.35 5.99
C LEU B 91 -10.53 1.55 6.32
N PHE B 92 -11.49 1.83 5.43
CA PHE B 92 -12.53 2.83 5.67
C PHE B 92 -13.84 2.04 5.55
N ALA B 93 -14.61 2.06 6.62
CA ALA B 93 -15.89 1.36 6.68
C ALA B 93 -16.73 1.96 7.77
N ALA B 94 -18.03 2.05 7.53
CA ALA B 94 -18.98 2.56 8.52
C ALA B 94 -18.55 3.93 9.09
N GLY B 95 -18.03 4.78 8.20
CA GLY B 95 -17.59 6.13 8.54
C GLY B 95 -16.37 6.21 9.41
N VAL B 96 -15.63 5.10 9.55
CA VAL B 96 -14.42 5.07 10.37
C VAL B 96 -13.22 4.60 9.54
N ALA B 97 -12.12 5.37 9.62
CA ALA B 97 -10.83 4.98 9.00
C ALA B 97 -9.93 4.42 10.09
N SER B 98 -9.32 3.28 9.82
CA SER B 98 -8.42 2.65 10.80
C SER B 98 -7.25 2.08 10.02
N SER B 99 -6.10 1.99 10.65
CA SER B 99 -4.91 1.50 10.02
C SER B 99 -4.06 0.74 10.98
N GLU B 100 -3.40 -0.29 10.47
CA GLU B 100 -2.36 -0.99 11.18
C GLU B 100 -1.07 -0.62 10.47
N PHE B 101 -0.06 -0.20 11.23
CA PHE B 101 1.18 0.24 10.61
C PHE B 101 2.40 -0.32 11.31
N GLU B 102 3.52 -0.30 10.59
N GLU B 102 3.53 -0.23 10.61
CA GLU B 102 4.82 -0.72 11.12
CA GLU B 102 4.79 -0.69 11.12
C GLU B 102 5.87 0.31 10.67
C GLU B 102 5.89 0.27 10.65
N LEU B 103 6.85 0.52 11.53
CA LEU B 103 7.97 1.39 11.23
C LEU B 103 8.85 0.62 10.24
N VAL B 104 9.14 1.21 9.09
CA VAL B 104 9.94 0.55 8.05
C VAL B 104 11.38 0.37 8.50
N GLU B 105 11.89 -0.85 8.41
CA GLU B 105 13.25 -1.11 8.82
C GLU B 105 14.26 -0.30 8.07
N ARG B 106 15.21 0.26 8.83
CA ARG B 106 16.28 1.08 8.30
C ARG B 106 15.84 2.39 7.66
N SER B 107 14.62 2.85 7.96
CA SER B 107 14.10 4.11 7.46
C SER B 107 14.36 5.25 8.43
N ALA B 108 14.62 4.91 9.70
CA ALA B 108 14.72 5.93 10.72
C ALA B 108 16.04 6.65 10.65
N THR B 109 16.02 7.92 11.05
CA THR B 109 17.21 8.77 11.08
C THR B 109 17.31 9.46 12.42
N GLY B 110 18.44 10.12 12.64
CA GLY B 110 18.69 10.87 13.85
C GLY B 110 18.69 9.98 15.07
N ASP B 111 18.03 10.43 16.14
CA ASP B 111 17.95 9.66 17.39
C ASP B 111 17.00 8.47 17.27
N PHE B 112 16.29 8.35 16.15
CA PHE B 112 15.35 7.25 15.93
C PHE B 112 15.95 6.01 15.25
N VAL B 113 17.22 6.07 14.87
CA VAL B 113 17.87 4.90 14.24
C VAL B 113 17.83 3.77 15.28
N HIS B 114 17.59 2.56 14.83
CA HIS B 114 17.47 1.40 15.71
C HIS B 114 16.11 1.32 16.44
N LEU B 115 15.17 2.22 16.18
CA LEU B 115 13.83 2.07 16.76
C LEU B 115 13.12 1.00 15.96
N VAL B 116 12.39 0.13 16.66
CA VAL B 116 11.55 -0.91 16.06
C VAL B 116 10.16 -0.57 16.53
N GLY B 117 9.14 -0.75 15.70
CA GLY B 117 7.82 -0.39 16.17
C GLY B 117 6.66 -0.67 15.25
N LYS B 118 5.48 -0.66 15.87
CA LYS B 118 4.23 -0.91 15.19
C LYS B 118 3.10 -0.33 16.03
N GLY B 119 1.98 -0.14 15.39
CA GLY B 119 0.82 0.36 16.04
C GLY B 119 -0.39 0.40 15.14
N HIS B 120 -1.37 1.19 15.57
CA HIS B 120 -2.61 1.36 14.85
C HIS B 120 -3.24 2.68 15.14
N PHE B 121 -4.19 3.08 14.29
CA PHE B 121 -4.99 4.28 14.57
C PHE B 121 -6.43 4.01 14.22
N VAL B 122 -7.31 4.81 14.82
CA VAL B 122 -8.73 4.79 14.53
C VAL B 122 -9.22 6.24 14.50
N SER B 123 -9.85 6.63 13.39
CA SER B 123 -10.34 7.98 13.26
C SER B 123 -11.46 8.30 14.29
N THR B 124 -11.56 9.58 14.64
CA THR B 124 -12.60 10.06 15.56
C THR B 124 -13.50 11.00 14.78
N GLU B 125 -13.34 12.30 14.94
CA GLU B 125 -14.12 13.30 14.24
C GLU B 125 -13.22 14.50 14.00
N ASN B 126 -13.69 15.43 13.18
CA ASN B 126 -13.02 16.72 12.98
C ASN B 126 -11.59 16.62 12.46
N GLY B 127 -11.33 15.61 11.68
CA GLY B 127 -10.02 15.35 11.14
C GLY B 127 -9.02 14.78 12.11
N GLN B 128 -9.55 14.24 13.22
CA GLN B 128 -8.66 13.64 14.23
C GLN B 128 -8.72 12.13 14.25
N ALA B 129 -7.70 11.55 14.89
CA ALA B 129 -7.64 10.10 15.09
C ALA B 129 -6.86 9.84 16.35
N ASN B 130 -7.23 8.76 17.00
CA ASN B 130 -6.43 8.23 18.12
C ASN B 130 -5.48 7.17 17.61
N TYR B 131 -4.23 7.27 18.04
CA TYR B 131 -3.22 6.28 17.67
C TYR B 131 -2.57 5.69 18.91
N GLN B 132 -2.03 4.49 18.70
CA GLN B 132 -1.21 3.81 19.66
C GLN B 132 0.01 3.34 18.88
N ILE B 133 1.20 3.51 19.47
CA ILE B 133 2.48 3.03 18.89
C ILE B 133 3.40 2.49 20.00
N THR B 134 3.88 1.25 19.81
CA THR B 134 4.83 0.61 20.73
C THR B 134 6.15 0.62 19.97
N LEU B 135 7.19 1.13 20.62
CA LEU B 135 8.51 1.16 20.07
C LEU B 135 9.51 0.47 21.01
N GLN B 136 10.63 0.08 20.41
CA GLN B 136 11.75 -0.54 21.12
C GLN B 136 12.99 0.27 20.83
#